data_5YLB
#
_entry.id   5YLB
#
_cell.length_a   70.506
_cell.length_b   80.386
_cell.length_c   81.996
_cell.angle_alpha   90.000
_cell.angle_beta   90.000
_cell.angle_gamma   90.000
#
_symmetry.space_group_name_H-M   'I 2 2 2'
#
loop_
_entity.id
_entity.type
_entity.pdbx_description
1 polymer 'Uncharacterized protein P8A3.02c'
2 non-polymer 'FE (III) ION'
3 water water
#
_entity_poly.entity_id   1
_entity_poly.type   'polypeptide(L)'
_entity_poly.pdbx_seq_one_letter_code
;YLDDFENWTVVPVETIEGINYYPNCLPESVQRNLINNVPKELLSIYGSGKQSHLYIPFPAHINCLNDYIPSDFKQRLWKG
QDAEAIIMQVYNPGDGIIPHKDLEMFGDGVAIFSFLSNTTMIFTHPELKLKSKIRLEKGSLLLMSGTARYDWFHEIPFRA
GDWVMNDGEEKWVSRSQRLSVTMRRII
;
_entity_poly.pdbx_strand_id   A
#
# COMPACT_ATOMS: atom_id res chain seq x y z
N TYR A 1 -7.77 -15.44 0.07
CA TYR A 1 -6.62 -16.13 -0.55
C TYR A 1 -6.51 -17.57 -0.01
N LEU A 2 -7.07 -18.49 -0.78
CA LEU A 2 -6.82 -19.92 -0.71
C LEU A 2 -7.39 -20.47 -2.01
N ASP A 3 -6.62 -21.25 -2.74
CA ASP A 3 -6.63 -21.15 -4.21
C ASP A 3 -7.14 -22.42 -4.91
N ASP A 4 -8.28 -22.35 -5.61
CA ASP A 4 -8.43 -21.60 -6.87
C ASP A 4 -9.74 -20.81 -7.08
N PHE A 5 -10.57 -20.67 -6.06
CA PHE A 5 -11.62 -19.62 -6.05
C PHE A 5 -12.70 -19.68 -7.12
N GLU A 6 -13.15 -20.87 -7.48
CA GLU A 6 -14.11 -20.99 -8.58
C GLU A 6 -15.52 -20.57 -8.11
N ASN A 7 -15.75 -20.58 -6.80
CA ASN A 7 -17.04 -20.10 -6.26
C ASN A 7 -17.11 -18.56 -6.20
N TRP A 8 -16.00 -17.88 -6.57
CA TRP A 8 -15.76 -16.43 -6.28
C TRP A 8 -15.91 -15.55 -7.54
N THR A 9 -16.04 -14.24 -7.33
CA THR A 9 -16.12 -13.29 -8.43
C THR A 9 -15.11 -12.17 -8.21
N VAL A 10 -14.45 -11.72 -9.27
CA VAL A 10 -13.57 -10.52 -9.22
C VAL A 10 -14.38 -9.28 -9.59
N VAL A 11 -14.38 -8.29 -8.71
CA VAL A 11 -15.12 -7.08 -8.94
C VAL A 11 -14.18 -5.88 -9.01
N PRO A 12 -14.65 -4.81 -9.63
CA PRO A 12 -13.91 -3.55 -9.62
C PRO A 12 -13.69 -3.00 -8.21
N VAL A 13 -12.49 -2.49 -7.94
CA VAL A 13 -12.17 -1.90 -6.67
C VAL A 13 -13.09 -0.69 -6.30
N GLU A 14 -13.72 -0.10 -7.30
CA GLU A 14 -14.66 1.00 -7.09
C GLU A 14 -15.90 0.53 -6.29
N THR A 15 -16.11 -0.78 -6.22
CA THR A 15 -17.24 -1.32 -5.43
C THR A 15 -16.96 -1.44 -3.94
N ILE A 16 -15.71 -1.18 -3.56
CA ILE A 16 -15.27 -1.30 -2.19
C ILE A 16 -15.22 0.07 -1.52
N GLU A 17 -16.22 0.33 -0.70
CA GLU A 17 -16.26 1.59 0.03
C GLU A 17 -15.01 1.73 0.92
N GLY A 18 -14.35 2.87 0.76
CA GLY A 18 -13.24 3.21 1.63
C GLY A 18 -11.89 2.96 0.95
N ILE A 19 -11.94 2.60 -0.32
CA ILE A 19 -10.72 2.66 -1.16
C ILE A 19 -10.67 3.95 -1.93
N ASN A 20 -9.64 4.76 -1.67
CA ASN A 20 -9.32 5.87 -2.52
C ASN A 20 -7.87 5.79 -3.03
N TYR A 21 -7.69 5.85 -4.33
CA TYR A 21 -6.37 5.68 -4.91
C TYR A 21 -6.02 6.92 -5.74
N TYR A 22 -4.82 7.47 -5.49
CA TYR A 22 -4.33 8.68 -6.15
C TYR A 22 -3.01 8.37 -6.87
N PRO A 23 -3.07 8.15 -8.18
CA PRO A 23 -1.88 7.95 -9.01
C PRO A 23 -1.12 9.28 -9.11
N ASN A 24 0.21 9.20 -9.23
CA ASN A 24 1.05 10.37 -9.42
C ASN A 24 0.83 11.41 -8.35
N CYS A 25 0.62 10.96 -7.11
CA CYS A 25 0.36 11.82 -6.01
C CYS A 25 1.65 12.54 -5.59
N LEU A 26 2.74 11.79 -5.48
CA LEU A 26 4.02 12.37 -5.11
C LEU A 26 4.83 12.81 -6.32
N PRO A 27 5.35 14.02 -6.26
CA PRO A 27 6.30 14.43 -7.29
C PRO A 27 7.54 13.58 -7.29
N GLU A 28 8.20 13.48 -8.42
CA GLU A 28 9.44 12.73 -8.49
C GLU A 28 10.47 13.23 -7.51
N SER A 29 10.52 14.55 -7.34
CA SER A 29 11.49 15.13 -6.42
C SER A 29 11.31 14.62 -4.97
N VAL A 30 10.06 14.44 -4.55
CA VAL A 30 9.75 14.02 -3.21
C VAL A 30 10.16 12.57 -3.02
N GLN A 31 9.91 11.75 -4.06
CA GLN A 31 10.27 10.34 -4.07
C GLN A 31 11.78 10.17 -3.99
N ARG A 32 12.50 10.91 -4.79
CA ARG A 32 13.96 10.83 -4.79
C ARG A 32 14.53 11.31 -3.46
N ASN A 33 13.99 12.40 -2.91
CA ASN A 33 14.49 12.89 -1.60
C ASN A 33 14.31 11.83 -0.50
N LEU A 34 13.16 11.16 -0.53
CA LEU A 34 12.89 10.09 0.44
C LEU A 34 13.87 8.93 0.28
N ILE A 35 13.99 8.43 -0.97
CA ILE A 35 14.79 7.26 -1.27
C ILE A 35 16.26 7.56 -0.97
N ASN A 36 16.68 8.80 -1.24
CA ASN A 36 18.09 9.16 -0.99
C ASN A 36 18.44 9.10 0.49
N ASN A 37 17.43 9.26 1.33
CA ASN A 37 17.63 9.39 2.78
C ASN A 37 17.18 8.21 3.61
N VAL A 38 16.80 7.14 2.96
CA VAL A 38 16.63 5.90 3.72
C VAL A 38 17.99 5.27 3.93
N PRO A 39 18.21 4.68 5.12
CA PRO A 39 19.46 3.95 5.34
C PRO A 39 19.71 2.95 4.22
N LYS A 40 20.92 2.96 3.65
CA LYS A 40 21.26 2.11 2.50
C LYS A 40 21.03 0.62 2.77
N GLU A 41 21.22 0.19 4.01
CA GLU A 41 21.04 -1.21 4.36
C GLU A 41 19.59 -1.66 4.14
N LEU A 42 18.63 -0.76 4.31
CA LEU A 42 17.22 -1.09 4.17
C LEU A 42 16.91 -1.45 2.73
N LEU A 43 17.68 -0.91 1.79
CA LEU A 43 17.42 -1.11 0.36
C LEU A 43 18.25 -2.24 -0.31
N SER A 44 18.76 -3.16 0.49
CA SER A 44 19.48 -4.30 -0.06
C SER A 44 18.60 -5.06 -1.06
N ILE A 45 19.17 -5.40 -2.22
CA ILE A 45 18.45 -6.17 -3.23
C ILE A 45 18.48 -7.68 -3.00
N TYR A 46 19.18 -8.11 -1.95
CA TYR A 46 19.46 -9.52 -1.75
C TYR A 46 18.59 -10.07 -0.65
N GLY A 47 18.01 -11.23 -0.88
CA GLY A 47 17.15 -11.85 0.12
C GLY A 47 15.82 -11.09 0.31
N SER A 48 15.21 -11.28 1.46
CA SER A 48 13.90 -10.70 1.75
C SER A 48 14.03 -9.25 2.10
N GLY A 49 13.07 -8.44 1.66
CA GLY A 49 13.13 -7.00 1.90
C GLY A 49 13.06 -6.69 3.37
N LYS A 50 13.86 -5.72 3.79
CA LYS A 50 13.92 -5.32 5.18
C LYS A 50 12.80 -4.33 5.51
N GLN A 51 12.71 -3.97 6.78
CA GLN A 51 11.62 -3.16 7.28
C GLN A 51 12.13 -2.24 8.39
N SER A 52 11.47 -1.09 8.57
CA SER A 52 11.88 -0.10 9.57
C SER A 52 10.64 0.50 10.20
N HIS A 53 10.56 0.44 11.53
CA HIS A 53 9.52 1.18 12.26
C HIS A 53 10.03 2.58 12.60
N LEU A 54 9.23 3.59 12.29
CA LEU A 54 9.48 4.97 12.78
C LEU A 54 8.30 5.50 13.65
N TYR A 55 8.63 6.36 14.61
CA TYR A 55 7.65 7.07 15.42
C TYR A 55 8.07 8.53 15.59
N ILE A 56 7.09 9.43 15.75
CA ILE A 56 7.37 10.89 15.95
C ILE A 56 8.60 11.13 16.84
N PRO A 57 9.39 12.17 16.51
CA PRO A 57 9.18 13.06 15.37
C PRO A 57 9.92 12.56 14.12
N PHE A 58 9.26 12.59 12.98
CA PHE A 58 9.87 12.09 11.77
C PHE A 58 10.75 13.17 11.13
N PRO A 59 11.82 12.74 10.46
CA PRO A 59 12.64 13.62 9.65
C PRO A 59 11.90 14.15 8.45
N ALA A 60 12.41 15.23 7.87
CA ALA A 60 11.66 16.01 6.90
C ALA A 60 11.33 15.15 5.68
N HIS A 61 12.25 14.26 5.30
CA HIS A 61 12.08 13.50 4.06
C HIS A 61 10.91 12.53 4.18
N ILE A 62 10.55 12.17 5.42
CA ILE A 62 9.35 11.37 5.71
C ILE A 62 8.18 12.26 6.03
N ASN A 63 8.42 13.24 6.89
CA ASN A 63 7.35 13.98 7.51
C ASN A 63 6.51 14.73 6.51
N CYS A 64 7.15 15.12 5.40
CA CYS A 64 6.47 15.76 4.30
C CYS A 64 5.31 14.96 3.67
N LEU A 65 5.38 13.66 3.77
CA LEU A 65 4.32 12.81 3.21
C LEU A 65 2.94 13.17 3.77
N ASN A 66 2.89 13.56 5.05
CA ASN A 66 1.66 14.06 5.70
C ASN A 66 0.94 15.15 4.88
N ASP A 67 1.70 15.92 4.13
CA ASP A 67 1.11 16.99 3.32
C ASP A 67 0.36 16.51 2.07
N TYR A 68 0.58 15.27 1.66
CA TYR A 68 -0.04 14.76 0.45
C TYR A 68 -1.24 13.85 0.79
N ILE A 69 -1.47 13.63 2.07
CA ILE A 69 -2.68 12.95 2.52
C ILE A 69 -3.85 13.98 2.53
N PRO A 70 -4.94 13.70 1.79
CA PRO A 70 -6.06 14.65 1.70
C PRO A 70 -6.57 15.13 3.05
N SER A 71 -6.84 16.43 3.16
CA SER A 71 -7.27 17.01 4.42
C SER A 71 -8.59 16.42 4.88
N ASP A 72 -9.49 16.17 3.94
CA ASP A 72 -10.81 15.60 4.26
C ASP A 72 -10.69 14.22 4.94
N PHE A 73 -9.73 13.41 4.48
CA PHE A 73 -9.44 12.14 5.15
C PHE A 73 -8.95 12.34 6.59
N LYS A 74 -7.96 13.21 6.79
CA LYS A 74 -7.45 13.43 8.13
C LYS A 74 -8.53 14.02 9.05
N GLN A 75 -9.36 14.90 8.49
CA GLN A 75 -10.45 15.53 9.28
C GLN A 75 -11.45 14.46 9.70
N ARG A 76 -11.91 13.66 8.74
CA ARG A 76 -12.93 12.67 9.01
C ARG A 76 -12.42 11.58 9.98
N LEU A 77 -11.16 11.16 9.86
CA LEU A 77 -10.75 9.92 10.52
C LEU A 77 -9.66 10.06 11.53
N TRP A 78 -8.82 11.08 11.36
CA TRP A 78 -7.65 11.25 12.21
C TRP A 78 -7.76 12.48 13.14
N LYS A 79 -8.99 12.98 13.33
CA LYS A 79 -9.25 14.13 14.21
C LYS A 79 -8.38 15.30 13.75
N GLY A 80 -8.32 15.49 12.43
CA GLY A 80 -7.55 16.57 11.81
C GLY A 80 -6.05 16.42 11.91
N GLN A 81 -5.59 15.44 12.65
CA GLN A 81 -4.20 15.31 13.00
C GLN A 81 -3.37 14.59 11.90
N ASP A 82 -2.05 14.53 12.09
CA ASP A 82 -1.17 13.81 11.17
C ASP A 82 -0.80 12.41 11.70
N ALA A 83 -0.08 11.63 10.90
CA ALA A 83 0.21 10.24 11.27
C ALA A 83 1.07 10.19 12.49
N GLU A 84 0.94 9.11 13.27
CA GLU A 84 1.76 8.94 14.47
C GLU A 84 2.75 7.82 14.32
N ALA A 85 2.40 6.82 13.52
CA ALA A 85 3.16 5.60 13.43
C ALA A 85 3.38 5.25 11.95
N ILE A 86 4.61 4.91 11.61
CA ILE A 86 5.02 4.72 10.22
C ILE A 86 5.88 3.46 10.14
N ILE A 87 5.56 2.58 9.19
CA ILE A 87 6.40 1.44 8.84
C ILE A 87 6.82 1.61 7.41
N MET A 88 8.13 1.58 7.20
CA MET A 88 8.72 1.49 5.87
C MET A 88 9.06 0.03 5.58
N GLN A 89 8.55 -0.50 4.47
CA GLN A 89 8.80 -1.88 4.09
C GLN A 89 9.32 -2.01 2.65
N VAL A 90 10.41 -2.75 2.49
CA VAL A 90 10.94 -3.08 1.20
C VAL A 90 10.46 -4.46 0.75
N TYR A 91 10.17 -4.57 -0.53
CA TYR A 91 9.74 -5.81 -1.17
C TYR A 91 10.69 -6.07 -2.32
N ASN A 92 11.57 -7.05 -2.16
CA ASN A 92 12.33 -7.56 -3.30
C ASN A 92 11.48 -8.56 -4.09
N PRO A 93 11.87 -8.85 -5.33
CA PRO A 93 10.95 -9.58 -6.19
C PRO A 93 10.68 -10.98 -5.62
N GLY A 94 9.41 -11.36 -5.57
CA GLY A 94 9.01 -12.56 -4.81
C GLY A 94 8.44 -12.28 -3.41
N ASP A 95 8.78 -11.12 -2.81
CA ASP A 95 8.21 -10.74 -1.49
C ASP A 95 6.75 -10.35 -1.60
N GLY A 96 5.97 -10.60 -0.54
CA GLY A 96 4.60 -10.14 -0.48
C GLY A 96 4.13 -10.11 0.95
N ILE A 97 2.82 -10.14 1.14
CA ILE A 97 2.28 -10.23 2.47
C ILE A 97 0.97 -11.00 2.46
N ILE A 98 0.78 -11.88 3.43
CA ILE A 98 -0.40 -12.72 3.39
C ILE A 98 -1.64 -11.86 3.68
N PRO A 99 -2.80 -12.33 3.27
CA PRO A 99 -4.03 -11.58 3.56
C PRO A 99 -4.22 -11.30 5.01
N HIS A 100 -4.58 -10.07 5.33
CA HIS A 100 -4.80 -9.68 6.71
C HIS A 100 -5.67 -8.41 6.74
N LYS A 101 -6.11 -8.05 7.95
CA LYS A 101 -6.72 -6.76 8.22
C LYS A 101 -5.78 -6.10 9.16
N ASP A 102 -5.56 -4.80 8.98
CA ASP A 102 -4.60 -4.11 9.81
C ASP A 102 -5.09 -4.12 11.28
N LEU A 103 -4.14 -4.13 12.20
CA LEU A 103 -4.45 -4.39 13.61
C LEU A 103 -5.38 -3.34 14.19
N GLU A 104 -6.22 -3.77 15.12
CA GLU A 104 -7.24 -2.89 15.67
C GLU A 104 -6.62 -1.71 16.47
N MET A 105 -5.40 -1.90 16.99
CA MET A 105 -4.65 -0.81 17.65
C MET A 105 -4.52 0.46 16.79
N PHE A 106 -4.73 0.35 15.48
CA PHE A 106 -4.55 1.49 14.60
C PHE A 106 -5.80 2.36 14.37
N GLY A 107 -6.98 1.86 14.69
CA GLY A 107 -8.19 2.62 14.36
C GLY A 107 -8.39 2.72 12.84
N ASP A 108 -9.21 3.68 12.42
CA ASP A 108 -9.59 3.77 11.00
C ASP A 108 -8.62 4.67 10.20
N GLY A 109 -8.50 4.37 8.91
CA GLY A 109 -7.70 5.18 8.00
C GLY A 109 -6.23 4.83 8.02
N VAL A 110 -5.80 4.24 6.91
CA VAL A 110 -4.45 3.83 6.71
C VAL A 110 -4.01 4.42 5.37
N ALA A 111 -2.83 5.02 5.37
CA ALA A 111 -2.32 5.66 4.17
C ALA A 111 -1.08 4.89 3.73
N ILE A 112 -1.02 4.52 2.45
CA ILE A 112 0.14 3.82 1.92
C ILE A 112 0.67 4.54 0.68
N PHE A 113 1.90 5.03 0.80
CA PHE A 113 2.62 5.60 -0.29
C PHE A 113 3.57 4.56 -0.89
N SER A 114 3.67 4.53 -2.22
CA SER A 114 4.44 3.55 -2.95
C SER A 114 5.62 4.21 -3.65
N PHE A 115 6.75 3.53 -3.60
CA PHE A 115 8.00 4.01 -4.20
C PHE A 115 8.70 2.93 -5.02
N LEU A 116 9.47 3.39 -5.99
CA LEU A 116 10.46 2.58 -6.76
C LEU A 116 9.88 1.82 -7.93
N SER A 117 8.80 1.08 -7.70
CA SER A 117 8.23 0.23 -8.76
C SER A 117 6.80 -0.11 -8.46
N ASN A 118 6.13 -0.73 -9.42
CA ASN A 118 4.69 -0.98 -9.34
C ASN A 118 4.45 -2.38 -8.75
N THR A 119 3.29 -2.59 -8.15
CA THR A 119 2.90 -3.91 -7.72
C THR A 119 1.37 -4.01 -7.72
N THR A 120 0.88 -5.19 -7.41
CA THR A 120 -0.55 -5.45 -7.41
C THR A 120 -0.94 -5.92 -6.01
N MET A 121 -1.98 -5.29 -5.47
CA MET A 121 -2.54 -5.63 -4.18
C MET A 121 -3.87 -6.28 -4.44
N ILE A 122 -4.21 -7.29 -3.65
CA ILE A 122 -5.47 -8.01 -3.86
C ILE A 122 -6.28 -7.95 -2.57
N PHE A 123 -7.54 -7.59 -2.73
CA PHE A 123 -8.50 -7.54 -1.65
C PHE A 123 -9.42 -8.76 -1.73
N THR A 124 -9.70 -9.33 -0.57
CA THR A 124 -10.49 -10.55 -0.49
C THR A 124 -11.60 -10.37 0.54
N HIS A 125 -12.75 -10.92 0.22
CA HIS A 125 -13.86 -11.00 1.20
C HIS A 125 -14.44 -12.41 1.19
N PRO A 126 -14.02 -13.24 2.15
CA PRO A 126 -14.40 -14.65 2.17
C PRO A 126 -15.90 -14.88 2.30
N GLU A 127 -16.55 -14.04 3.08
CA GLU A 127 -17.99 -14.22 3.30
C GLU A 127 -18.81 -13.88 2.05
N LEU A 128 -18.38 -12.86 1.29
CA LEU A 128 -18.99 -12.50 0.02
C LEU A 128 -18.47 -13.34 -1.16
N LYS A 129 -17.36 -14.05 -0.94
CA LYS A 129 -16.66 -14.76 -2.01
C LYS A 129 -16.34 -13.82 -3.18
N LEU A 130 -15.68 -12.72 -2.84
CA LEU A 130 -15.25 -11.73 -3.83
C LEU A 130 -13.76 -11.43 -3.69
N LYS A 131 -13.17 -11.11 -4.82
CA LYS A 131 -11.80 -10.61 -4.90
C LYS A 131 -11.84 -9.29 -5.66
N SER A 132 -10.83 -8.46 -5.44
CA SER A 132 -10.64 -7.24 -6.28
C SER A 132 -9.18 -6.95 -6.32
N LYS A 133 -8.73 -6.26 -7.35
CA LYS A 133 -7.28 -6.08 -7.53
C LYS A 133 -7.03 -4.61 -7.76
N ILE A 134 -5.90 -4.09 -7.30
CA ILE A 134 -5.54 -2.73 -7.66
C ILE A 134 -4.04 -2.70 -7.92
N ARG A 135 -3.67 -1.97 -8.98
CA ARG A 135 -2.30 -1.78 -9.33
C ARG A 135 -1.77 -0.57 -8.59
N LEU A 136 -0.88 -0.79 -7.64
CA LEU A 136 -0.30 0.33 -6.88
C LEU A 136 0.96 0.78 -7.63
N GLU A 137 0.93 1.98 -8.14
CA GLU A 137 2.03 2.47 -8.93
C GLU A 137 2.97 3.35 -8.15
N LYS A 138 4.24 3.30 -8.54
CA LYS A 138 5.27 4.16 -8.01
C LYS A 138 4.72 5.57 -7.90
N GLY A 139 4.89 6.18 -6.73
CA GLY A 139 4.41 7.54 -6.51
C GLY A 139 2.95 7.72 -6.15
N SER A 140 2.22 6.62 -6.02
CA SER A 140 0.80 6.66 -5.67
C SER A 140 0.55 6.70 -4.17
N LEU A 141 -0.67 7.08 -3.83
CA LEU A 141 -1.16 7.00 -2.49
C LEU A 141 -2.43 6.13 -2.52
N LEU A 142 -2.45 5.15 -1.65
CA LEU A 142 -3.67 4.40 -1.30
C LEU A 142 -4.17 4.78 0.07
N LEU A 143 -5.45 5.18 0.15
CA LEU A 143 -6.13 5.34 1.45
C LEU A 143 -7.10 4.17 1.62
N MET A 144 -7.01 3.53 2.75
CA MET A 144 -7.90 2.44 3.11
C MET A 144 -8.64 2.81 4.39
N SER A 145 -9.96 2.78 4.32
CA SER A 145 -10.79 3.11 5.47
C SER A 145 -12.11 2.33 5.44
N GLY A 146 -12.86 2.41 6.53
CA GLY A 146 -14.22 1.92 6.51
C GLY A 146 -14.30 0.48 6.09
N THR A 147 -15.17 0.23 5.10
CA THR A 147 -15.48 -1.14 4.64
C THR A 147 -14.18 -1.84 4.16
N ALA A 148 -13.40 -1.08 3.43
CA ALA A 148 -12.12 -1.57 2.90
C ALA A 148 -11.18 -2.01 3.99
N ARG A 149 -11.21 -1.27 5.11
CA ARG A 149 -10.28 -1.43 6.19
C ARG A 149 -10.74 -2.46 7.24
N TYR A 150 -12.05 -2.68 7.32
CA TYR A 150 -12.62 -3.55 8.34
C TYR A 150 -13.22 -4.85 7.79
N ASP A 151 -13.92 -4.77 6.67
CA ASP A 151 -14.65 -5.91 6.12
C ASP A 151 -13.79 -6.81 5.22
N TRP A 152 -12.80 -6.23 4.54
CA TRP A 152 -12.04 -6.93 3.51
C TRP A 152 -10.63 -7.19 4.05
N PHE A 153 -10.00 -8.23 3.51
CA PHE A 153 -8.59 -8.50 3.72
C PHE A 153 -7.82 -7.91 2.55
N HIS A 154 -6.56 -7.54 2.80
CA HIS A 154 -5.67 -7.14 1.69
C HIS A 154 -4.38 -7.94 1.78
N GLU A 155 -3.75 -8.12 0.63
CA GLU A 155 -2.54 -8.91 0.55
C GLU A 155 -1.73 -8.38 -0.64
N ILE A 156 -0.48 -8.77 -0.67
CA ILE A 156 0.34 -8.63 -1.88
C ILE A 156 0.86 -10.04 -2.22
N PRO A 157 0.46 -10.57 -3.38
CA PRO A 157 0.86 -11.94 -3.75
C PRO A 157 2.39 -12.13 -3.78
N PHE A 158 2.85 -13.27 -3.28
CA PHE A 158 4.27 -13.62 -3.25
C PHE A 158 4.66 -14.12 -4.67
N ARG A 159 5.03 -13.21 -5.54
CA ARG A 159 5.50 -13.64 -6.88
C ARG A 159 6.49 -12.65 -7.47
N ALA A 160 6.99 -12.95 -8.68
CA ALA A 160 8.06 -12.16 -9.28
C ALA A 160 7.58 -11.32 -10.43
N GLY A 161 6.29 -11.44 -10.77
CA GLY A 161 5.70 -10.54 -11.71
C GLY A 161 4.21 -10.55 -11.57
N ASP A 162 3.56 -9.71 -12.34
CA ASP A 162 2.12 -9.63 -12.34
C ASP A 162 1.66 -9.54 -13.79
N TRP A 163 0.57 -10.23 -14.10
CA TRP A 163 -0.16 -9.99 -15.32
C TRP A 163 -0.86 -8.66 -15.24
N VAL A 164 -0.58 -7.79 -16.18
CA VAL A 164 -1.13 -6.43 -16.23
C VAL A 164 -1.71 -6.17 -17.62
N MET A 165 -2.96 -5.71 -17.64
CA MET A 165 -3.69 -5.37 -18.87
C MET A 165 -3.55 -3.88 -19.16
N ASN A 166 -3.15 -3.56 -20.39
CA ASN A 166 -3.07 -2.17 -20.85
C ASN A 166 -3.28 -2.12 -22.36
N ASP A 167 -4.11 -1.20 -22.81
CA ASP A 167 -4.32 -1.01 -24.24
C ASP A 167 -4.69 -2.33 -24.94
N GLY A 168 -5.44 -3.19 -24.23
CA GLY A 168 -6.01 -4.42 -24.81
C GLY A 168 -5.09 -5.67 -24.82
N GLU A 169 -3.85 -5.50 -24.40
CA GLU A 169 -2.90 -6.58 -24.32
C GLU A 169 -2.64 -6.89 -22.88
N GLU A 170 -2.39 -8.16 -22.58
CA GLU A 170 -1.97 -8.59 -21.23
C GLU A 170 -0.55 -9.12 -21.21
N LYS A 171 0.30 -8.51 -20.36
CA LYS A 171 1.72 -8.84 -20.28
C LYS A 171 2.07 -9.28 -18.89
N TRP A 172 3.12 -10.07 -18.77
CA TRP A 172 3.69 -10.36 -17.48
C TRP A 172 4.76 -9.38 -17.20
N VAL A 173 4.51 -8.52 -16.23
CA VAL A 173 5.44 -7.45 -15.90
C VAL A 173 6.22 -7.89 -14.70
N SER A 174 7.52 -8.07 -14.88
CA SER A 174 8.39 -8.48 -13.80
C SER A 174 8.40 -7.40 -12.73
N ARG A 175 8.44 -7.83 -11.48
CA ARG A 175 8.56 -6.88 -10.39
C ARG A 175 9.97 -6.43 -10.19
N SER A 176 10.13 -5.18 -9.78
CA SER A 176 11.42 -4.69 -9.29
C SER A 176 11.29 -4.41 -7.81
N GLN A 177 12.41 -4.12 -7.17
CA GLN A 177 12.34 -3.71 -5.77
C GLN A 177 11.29 -2.59 -5.58
N ARG A 178 10.53 -2.69 -4.49
CA ARG A 178 9.52 -1.69 -4.12
C ARG A 178 9.68 -1.31 -2.67
N LEU A 179 9.40 -0.05 -2.36
CA LEU A 179 9.36 0.39 -0.97
C LEU A 179 8.02 1.01 -0.72
N SER A 180 7.39 0.63 0.40
CA SER A 180 6.18 1.31 0.82
C SER A 180 6.38 2.02 2.16
N VAL A 181 5.63 3.10 2.32
CA VAL A 181 5.58 3.80 3.58
C VAL A 181 4.11 3.87 4.01
N THR A 182 3.84 3.20 5.11
CA THR A 182 2.49 3.06 5.62
C THR A 182 2.39 3.96 6.84
N MET A 183 1.35 4.79 6.83
CA MET A 183 1.19 5.85 7.83
C MET A 183 -0.15 5.62 8.52
N ARG A 184 -0.09 5.56 9.83
CA ARG A 184 -1.25 5.21 10.65
C ARG A 184 -1.27 6.03 11.95
N ARG A 185 -2.40 6.00 12.64
CA ARG A 185 -2.50 6.58 13.99
C ARG A 185 -2.81 5.45 14.96
N ILE A 186 -2.62 5.71 16.25
CA ILE A 186 -2.87 4.70 17.29
C ILE A 186 -4.05 5.17 18.15
N ILE A 187 -5.04 4.30 18.34
CA ILE A 187 -6.22 4.68 19.12
C ILE A 187 -5.84 4.87 20.59
#